data_4DYM
#
_entry.id   4DYM
#
_cell.length_a   57.800
_cell.length_b   81.860
_cell.length_c   140.390
_cell.angle_alpha   90.00
_cell.angle_beta   90.00
_cell.angle_gamma   90.00
#
_symmetry.space_group_name_H-M   'C 2 2 21'
#
loop_
_entity.id
_entity.type
_entity.pdbx_description
1 polymer 'Activin receptor type-1'
2 non-polymer 'SULFATE ION'
3 non-polymer 1-(3-{6-[(CYCLOPROPYLMETHYL)AMINO]IMIDAZO[1,2-B]PYRIDAZIN-3-YL}PHENYL)ETHANONE
4 non-polymer GLYCEROL
5 water water
#
_entity_poly.entity_id   1
_entity_poly.type   'polypeptide(L)'
_entity_poly.pdbx_seq_one_letter_code
;SMQRTVAHQITLLECVGKGRYGEVWRGSWQGENVAVKIFSSRDEKSWFRETELYNTVMLRHENILGFIASDMTSRHSSTQ
LWLITHYHEMGSLYDYLQLTTLDTVSCLRIVLSIASGLAHLHIEIFGTQGKPAIAHRDLKSKNILVKKNGQCCIADLGLA
VMHSQSTNQLDVGNNPRVGTKRYMAPEVLDETIQVDCFDSYKRVDIWAFGLVLWEVARRMVSNGIVEDYKPPFYDVVPND
PSFEDMRKVVCVDQQRPNIPNRWFSDPTLTSLAKLMKECWYQNPSARLTALRIKKTLTKID
;
_entity_poly.pdbx_strand_id   A
#
loop_
_chem_comp.id
_chem_comp.type
_chem_comp.name
_chem_comp.formula
GOL non-polymer GLYCEROL 'C3 H8 O3'
IYZ non-polymer 1-(3-{6-[(CYCLOPROPYLMETHYL)AMINO]IMIDAZO[1,2-B]PYRIDAZIN-3-YL}PHENYL)ETHANONE 'C18 H18 N4 O'
SO4 non-polymer 'SULFATE ION' 'O4 S -2'
#
# COMPACT_ATOMS: atom_id res chain seq x y z
N GLN A 9 9.94 -22.59 -16.47
CA GLN A 9 9.91 -23.48 -15.27
C GLN A 9 10.24 -22.70 -14.00
N ILE A 10 9.58 -23.09 -12.91
CA ILE A 10 9.66 -22.37 -11.64
C ILE A 10 9.69 -23.41 -10.53
N THR A 11 10.50 -23.16 -9.49
CA THR A 11 10.55 -24.03 -8.32
C THR A 11 10.48 -23.15 -7.09
N LEU A 12 9.43 -23.38 -6.30
CA LEU A 12 9.31 -22.80 -5.00
C LEU A 12 10.43 -23.37 -4.14
N LEU A 13 11.10 -22.51 -3.37
CA LEU A 13 12.16 -22.94 -2.48
C LEU A 13 11.81 -22.83 -0.99
N GLU A 14 11.27 -21.68 -0.59
CA GLU A 14 11.29 -21.26 0.80
C GLU A 14 10.05 -20.40 1.03
N CYS A 15 9.09 -20.90 1.82
CA CYS A 15 7.90 -20.11 2.15
C CYS A 15 8.28 -19.04 3.15
N VAL A 16 7.97 -17.79 2.80
CA VAL A 16 8.31 -16.63 3.61
C VAL A 16 7.04 -15.96 4.20
N GLY A 17 5.86 -16.51 3.93
CA GLY A 17 4.65 -15.89 4.46
C GLY A 17 3.41 -16.72 4.25
N LYS A 18 2.75 -17.07 5.32
CA LYS A 18 1.47 -17.76 5.23
C LYS A 18 0.44 -16.80 5.78
N GLY A 19 -0.78 -16.91 5.31
CA GLY A 19 -1.83 -15.97 5.71
C GLY A 19 -3.12 -16.19 4.97
N ARG A 20 -4.04 -15.25 5.14
CA ARG A 20 -5.43 -15.41 4.67
C ARG A 20 -5.48 -15.06 3.18
N TYR A 21 -4.58 -14.19 2.77
CA TYR A 21 -4.24 -13.93 1.36
C TYR A 21 -3.51 -15.08 0.61
N GLY A 22 -3.13 -16.15 1.30
CA GLY A 22 -2.49 -17.29 0.66
C GLY A 22 -1.06 -17.54 1.16
N GLU A 23 -0.08 -17.49 0.25
CA GLU A 23 1.31 -17.65 0.64
C GLU A 23 2.27 -16.97 -0.32
N VAL A 24 3.38 -16.47 0.21
CA VAL A 24 4.44 -15.95 -0.62
C VAL A 24 5.70 -16.81 -0.46
N TRP A 25 6.26 -17.24 -1.56
CA TRP A 25 7.45 -18.06 -1.50
C TRP A 25 8.56 -17.34 -2.11
N ARG A 26 9.78 -17.62 -1.64
CA ARG A 26 10.95 -17.38 -2.43
C ARG A 26 11.07 -18.57 -3.39
N GLY A 27 11.26 -18.28 -4.68
CA GLY A 27 11.40 -19.30 -5.66
C GLY A 27 12.59 -19.05 -6.54
N SER A 28 12.82 -19.98 -7.46
CA SER A 28 13.64 -19.66 -8.61
C SER A 28 12.84 -19.79 -9.92
N TRP A 29 13.03 -18.78 -10.77
CA TRP A 29 12.74 -18.86 -12.19
C TRP A 29 14.07 -19.00 -12.92
N GLN A 30 14.35 -20.21 -13.44
CA GLN A 30 15.62 -20.49 -14.11
C GLN A 30 16.80 -20.23 -13.17
N GLY A 31 16.65 -20.64 -11.92
CA GLY A 31 17.66 -20.38 -10.90
C GLY A 31 17.65 -18.98 -10.31
N GLU A 32 17.02 -18.02 -11.01
CA GLU A 32 16.93 -16.65 -10.50
C GLU A 32 15.93 -16.53 -9.36
N ASN A 33 16.36 -15.89 -8.26
CA ASN A 33 15.48 -15.64 -7.14
C ASN A 33 14.31 -14.77 -7.53
N VAL A 34 13.12 -15.21 -7.13
CA VAL A 34 11.87 -14.49 -7.40
C VAL A 34 10.93 -14.77 -6.27
N ALA A 35 9.78 -14.08 -6.27
CA ALA A 35 8.71 -14.29 -5.27
C ALA A 35 7.43 -14.90 -5.88
N VAL A 36 6.98 -16.01 -5.36
CA VAL A 36 5.76 -16.60 -5.87
C VAL A 36 4.60 -16.44 -4.84
N LYS A 37 3.69 -15.52 -5.12
CA LYS A 37 2.43 -15.45 -4.31
C LYS A 37 1.46 -16.50 -4.82
N ILE A 38 1.21 -17.51 -3.99
CA ILE A 38 0.15 -18.46 -4.24
C ILE A 38 -1.12 -17.93 -3.62
N PHE A 39 -2.12 -17.65 -4.43
CA PHE A 39 -3.39 -17.09 -3.94
C PHE A 39 -4.24 -18.19 -3.32
N SER A 40 -5.06 -17.87 -2.34
CA SER A 40 -5.97 -18.83 -1.77
C SER A 40 -7.24 -18.86 -2.61
N SER A 41 -8.09 -19.88 -2.42
CA SER A 41 -9.37 -19.99 -3.16
C SER A 41 -10.22 -18.72 -3.05
N ARG A 42 -10.13 -18.07 -1.89
CA ARG A 42 -10.96 -16.90 -1.57
C ARG A 42 -10.64 -15.67 -2.44
N ASP A 43 -9.48 -15.69 -3.11
CA ASP A 43 -9.02 -14.54 -3.90
C ASP A 43 -8.94 -14.72 -5.41
N GLU A 44 -9.46 -15.80 -5.99
CA GLU A 44 -9.33 -15.96 -7.47
C GLU A 44 -9.34 -14.59 -8.15
N LYS A 45 -10.36 -13.82 -7.85
CA LYS A 45 -10.65 -12.56 -8.53
C LYS A 45 -9.54 -11.54 -8.39
N SER A 46 -8.86 -11.58 -7.26
CA SER A 46 -7.74 -10.71 -7.02
C SER A 46 -6.51 -11.10 -7.90
N TRP A 47 -6.33 -12.38 -8.16
CA TRP A 47 -5.31 -12.85 -9.10
C TRP A 47 -5.62 -12.38 -10.52
N PHE A 48 -6.91 -12.31 -10.86
CA PHE A 48 -7.30 -11.98 -12.22
C PHE A 48 -7.12 -10.49 -12.46
N ARG A 49 -7.64 -9.66 -11.54
CA ARG A 49 -7.47 -8.21 -11.62
C ARG A 49 -6.01 -7.80 -11.67
N GLU A 50 -5.19 -8.50 -10.90
CA GLU A 50 -3.79 -8.16 -10.79
C GLU A 50 -2.99 -8.61 -12.00
N THR A 51 -3.33 -9.80 -12.51
CA THR A 51 -2.83 -10.27 -13.80
C THR A 51 -3.35 -9.40 -14.97
N GLU A 52 -4.60 -8.98 -14.89
CA GLU A 52 -5.14 -7.98 -15.83
C GLU A 52 -4.33 -6.68 -15.85
N LEU A 53 -4.19 -6.04 -14.69
CA LEU A 53 -3.38 -4.83 -14.57
C LEU A 53 -1.98 -4.99 -15.14
N TYR A 54 -1.20 -5.91 -14.59
CA TYR A 54 0.23 -5.97 -14.94
C TYR A 54 0.46 -6.25 -16.44
N ASN A 55 -0.42 -7.05 -17.07
CA ASN A 55 -0.26 -7.42 -18.47
C ASN A 55 -0.76 -6.40 -19.50
N THR A 56 -1.81 -5.66 -19.13
CA THR A 56 -2.46 -4.74 -20.08
C THR A 56 -1.98 -3.31 -19.91
N VAL A 57 -1.22 -3.09 -18.83
CA VAL A 57 -0.71 -1.79 -18.46
C VAL A 57 0.78 -1.97 -18.24
N MET A 58 1.60 -1.04 -18.74
CA MET A 58 2.99 -0.99 -18.32
C MET A 58 3.03 -0.36 -16.95
N LEU A 59 3.70 -1.05 -16.02
CA LEU A 59 3.86 -0.56 -14.69
C LEU A 59 5.32 -0.46 -14.27
N ARG A 60 6.27 -0.77 -15.15
CA ARG A 60 7.71 -0.67 -14.81
C ARG A 60 8.10 0.66 -14.09
N HIS A 61 8.30 0.57 -12.78
CA HIS A 61 8.73 1.70 -11.95
C HIS A 61 9.51 1.19 -10.77
N GLU A 62 10.54 1.92 -10.40
CA GLU A 62 11.39 1.58 -9.27
C GLU A 62 10.62 1.35 -7.94
N ASN A 63 9.48 2.00 -7.78
CA ASN A 63 8.70 1.95 -6.55
C ASN A 63 7.35 1.27 -6.76
N ILE A 64 7.25 0.45 -7.80
CA ILE A 64 6.15 -0.49 -7.90
C ILE A 64 6.70 -1.90 -8.02
N LEU A 65 6.12 -2.82 -7.22
CA LEU A 65 6.62 -4.19 -7.18
C LEU A 65 6.60 -4.76 -8.57
N GLY A 66 7.79 -5.15 -9.04
CA GLY A 66 8.02 -5.54 -10.41
C GLY A 66 7.46 -6.88 -10.79
N PHE A 67 6.84 -6.92 -11.94
CA PHE A 67 6.15 -8.11 -12.40
C PHE A 67 7.04 -8.95 -13.33
N ILE A 68 6.93 -10.28 -13.20
CA ILE A 68 7.61 -11.22 -14.12
C ILE A 68 6.63 -12.09 -14.89
N ALA A 69 5.62 -12.63 -14.20
CA ALA A 69 4.64 -13.49 -14.86
C ALA A 69 3.49 -13.83 -13.95
N SER A 70 2.44 -14.34 -14.56
CA SER A 70 1.33 -14.88 -13.81
C SER A 70 1.10 -16.24 -14.43
N ASP A 71 0.67 -17.21 -13.63
CA ASP A 71 0.64 -18.61 -14.05
C ASP A 71 -0.37 -19.44 -13.27
N MET A 72 -0.78 -20.58 -13.85
CA MET A 72 -1.68 -21.53 -13.21
C MET A 72 -1.02 -22.90 -13.16
N THR A 73 -0.98 -23.51 -11.97
CA THR A 73 -0.51 -24.86 -11.86
C THR A 73 -1.41 -25.74 -11.00
N SER A 74 -1.05 -27.02 -10.92
CA SER A 74 -1.84 -28.00 -10.23
C SER A 74 -1.00 -28.73 -9.21
N ARG A 75 -1.20 -28.38 -7.94
CA ARG A 75 -0.80 -29.24 -6.84
C ARG A 75 -2.04 -30.02 -6.35
N HIS A 76 -1.91 -31.34 -6.19
CA HIS A 76 -2.97 -32.18 -5.57
C HIS A 76 -4.24 -32.31 -6.39
N SER A 77 -4.10 -32.45 -7.71
CA SER A 77 -5.26 -32.51 -8.62
C SER A 77 -6.23 -31.30 -8.41
N SER A 78 -5.65 -30.13 -8.17
CA SER A 78 -6.43 -28.88 -7.99
C SER A 78 -5.57 -27.66 -8.32
N THR A 79 -6.22 -26.64 -8.87
CA THR A 79 -5.53 -25.54 -9.52
C THR A 79 -5.14 -24.46 -8.52
N GLN A 80 -3.87 -24.04 -8.61
CA GLN A 80 -3.36 -22.90 -7.86
C GLN A 80 -3.04 -21.73 -8.79
N LEU A 81 -3.35 -20.53 -8.34
CA LEU A 81 -3.06 -19.31 -9.09
C LEU A 81 -1.85 -18.62 -8.49
N TRP A 82 -0.82 -18.47 -9.30
CA TRP A 82 0.41 -17.87 -8.89
C TRP A 82 0.51 -16.55 -9.54
N LEU A 83 1.04 -15.58 -8.78
CA LEU A 83 1.66 -14.37 -9.34
C LEU A 83 3.16 -14.43 -9.06
N ILE A 84 3.98 -13.99 -10.01
CA ILE A 84 5.45 -14.13 -9.91
C ILE A 84 6.12 -12.80 -10.18
N THR A 85 6.80 -12.32 -9.15
CA THR A 85 7.26 -10.96 -9.08
C THR A 85 8.74 -10.94 -8.67
N HIS A 86 9.27 -9.73 -8.56
CA HIS A 86 10.56 -9.51 -7.89
C HIS A 86 10.54 -9.88 -6.41
N TYR A 87 11.68 -10.34 -5.92
CA TYR A 87 11.80 -10.73 -4.50
C TYR A 87 12.64 -9.71 -3.76
N HIS A 88 12.16 -9.33 -2.60
CA HIS A 88 12.87 -8.38 -1.76
C HIS A 88 13.16 -8.98 -0.41
N GLU A 89 14.41 -9.37 -0.20
CA GLU A 89 14.73 -10.19 0.98
C GLU A 89 14.51 -9.52 2.35
N MET A 90 14.43 -8.19 2.42
CA MET A 90 14.19 -7.50 3.69
C MET A 90 12.70 -7.69 4.06
N GLY A 91 11.85 -7.77 3.05
CA GLY A 91 10.49 -8.11 3.25
C GLY A 91 9.67 -6.86 3.32
N SER A 92 8.52 -6.98 3.98
CA SER A 92 7.54 -5.91 4.05
C SER A 92 7.97 -4.77 4.93
N LEU A 93 7.56 -3.57 4.59
CA LEU A 93 7.72 -2.43 5.51
C LEU A 93 7.19 -2.71 6.91
N TYR A 94 6.07 -3.43 7.02
CA TYR A 94 5.58 -3.80 8.35
C TYR A 94 6.68 -4.57 9.18
N ASP A 95 7.26 -5.60 8.59
CA ASP A 95 8.30 -6.36 9.31
C ASP A 95 9.54 -5.53 9.63
N TYR A 96 9.91 -4.65 8.71
CA TYR A 96 11.12 -3.84 8.79
C TYR A 96 11.08 -2.84 9.93
N LEU A 97 9.90 -2.26 10.15
CA LEU A 97 9.72 -1.23 11.13
C LEU A 97 9.84 -1.79 12.53
N GLN A 98 9.61 -3.10 12.68
CA GLN A 98 9.57 -3.73 14.00
C GLN A 98 10.96 -4.05 14.34
N LEU A 99 11.65 -4.53 13.33
CA LEU A 99 13.03 -4.89 13.40
C LEU A 99 13.92 -3.67 13.69
N THR A 100 13.58 -2.50 13.16
CA THR A 100 14.53 -1.40 13.20
C THR A 100 14.01 0.03 13.38
N THR A 101 14.94 0.89 13.73
CA THR A 101 14.69 2.27 14.03
C THR A 101 15.35 3.09 12.93
N LEU A 102 14.89 4.33 12.72
CA LEU A 102 15.27 5.11 11.53
C LEU A 102 15.88 6.47 11.88
N ASP A 103 16.86 6.93 11.07
CA ASP A 103 17.28 8.35 11.12
C ASP A 103 16.54 9.14 10.07
N THR A 104 16.74 10.45 10.07
CA THR A 104 16.02 11.36 9.17
C THR A 104 16.12 10.95 7.68
N VAL A 105 17.35 10.72 7.22
CA VAL A 105 17.67 10.30 5.84
C VAL A 105 16.91 9.07 5.40
N SER A 106 16.96 8.05 6.24
CA SER A 106 16.31 6.77 5.92
C SER A 106 14.79 6.89 6.03
N CYS A 107 14.33 7.70 6.96
CA CYS A 107 12.90 7.89 7.10
C CYS A 107 12.30 8.52 5.82
N LEU A 108 12.91 9.62 5.38
CA LEU A 108 12.36 10.39 4.27
C LEU A 108 12.39 9.59 2.96
N ARG A 109 13.54 8.98 2.68
CA ARG A 109 13.69 8.06 1.58
C ARG A 109 12.55 7.03 1.54
N ILE A 110 12.34 6.30 2.64
CA ILE A 110 11.22 5.34 2.69
C ILE A 110 9.91 6.00 2.29
N VAL A 111 9.57 7.13 2.92
CA VAL A 111 8.27 7.77 2.67
C VAL A 111 8.22 8.52 1.34
N LEU A 112 9.37 8.98 0.85
CA LEU A 112 9.41 9.62 -0.45
C LEU A 112 9.10 8.61 -1.51
N SER A 113 9.64 7.39 -1.36
CA SER A 113 9.53 6.37 -2.40
C SER A 113 8.14 5.79 -2.46
N ILE A 114 7.50 5.63 -1.31
CA ILE A 114 6.09 5.25 -1.29
C ILE A 114 5.28 6.26 -2.10
N ALA A 115 5.54 7.55 -1.89
CA ALA A 115 4.82 8.62 -2.63
C ALA A 115 5.25 8.71 -4.10
N SER A 116 6.55 8.58 -4.39
CA SER A 116 7.03 8.48 -5.79
C SER A 116 6.41 7.29 -6.54
N GLY A 117 5.99 6.26 -5.80
CA GLY A 117 5.37 5.08 -6.37
C GLY A 117 3.87 5.20 -6.48
N LEU A 118 3.23 5.75 -5.45
CA LEU A 118 1.78 5.97 -5.46
C LEU A 118 1.40 7.06 -6.47
N ALA A 119 2.16 8.12 -6.54
CA ALA A 119 1.91 9.15 -7.52
C ALA A 119 1.87 8.52 -8.92
N HIS A 120 2.91 7.74 -9.25
CA HIS A 120 2.98 7.03 -10.54
C HIS A 120 1.79 6.15 -10.81
N LEU A 121 1.31 5.41 -9.81
CA LEU A 121 0.00 4.73 -9.94
C LEU A 121 -1.13 5.70 -10.28
N HIS A 122 -1.17 6.82 -9.58
CA HIS A 122 -2.36 7.74 -9.57
C HIS A 122 -2.64 8.57 -10.82
N ILE A 123 -1.61 8.76 -11.64
CA ILE A 123 -1.71 9.68 -12.75
C ILE A 123 -1.75 8.97 -14.11
N GLU A 124 -2.42 9.59 -15.08
CA GLU A 124 -2.41 9.08 -16.43
C GLU A 124 -1.21 9.59 -17.18
N ILE A 125 -0.62 8.73 -18.02
CA ILE A 125 0.55 9.08 -18.79
C ILE A 125 0.31 8.66 -20.23
N PHE A 126 0.93 9.38 -21.17
CA PHE A 126 0.70 9.17 -22.56
C PHE A 126 1.98 8.88 -23.31
N GLY A 127 1.83 8.29 -24.50
CA GLY A 127 2.96 7.93 -25.34
C GLY A 127 3.35 6.47 -25.23
N THR A 128 4.62 6.19 -25.48
CA THR A 128 5.13 4.84 -25.61
C THR A 128 5.29 4.14 -24.27
N GLN A 129 5.49 4.91 -23.20
CA GLN A 129 5.53 4.36 -21.85
C GLN A 129 4.36 4.92 -21.01
N GLY A 130 3.17 4.93 -21.61
CA GLY A 130 1.97 5.50 -20.96
C GLY A 130 1.23 4.48 -20.12
N LYS A 131 0.21 4.95 -19.42
CA LYS A 131 -0.54 4.11 -18.51
C LYS A 131 -1.81 4.85 -18.13
N PRO A 132 -2.92 4.14 -17.92
CA PRO A 132 -4.06 4.82 -17.32
C PRO A 132 -3.78 5.18 -15.87
N ALA A 133 -4.67 5.94 -15.26
CA ALA A 133 -4.58 6.20 -13.82
C ALA A 133 -5.02 4.95 -13.13
N ILE A 134 -4.41 4.66 -11.98
CA ILE A 134 -4.74 3.51 -11.14
C ILE A 134 -4.85 3.92 -9.67
N ALA A 135 -5.90 3.42 -9.01
CA ALA A 135 -5.99 3.44 -7.56
C ALA A 135 -5.73 2.02 -6.97
N HIS A 136 -5.10 1.97 -5.81
CA HIS A 136 -4.64 0.72 -5.17
C HIS A 136 -5.72 0.04 -4.36
N ARG A 137 -6.41 0.81 -3.53
CA ARG A 137 -7.53 0.36 -2.67
C ARG A 137 -7.14 -0.58 -1.51
N ASP A 138 -5.85 -0.82 -1.33
CA ASP A 138 -5.38 -1.63 -0.20
C ASP A 138 -3.98 -1.24 0.26
N LEU A 139 -3.67 0.06 0.25
CA LEU A 139 -2.38 0.52 0.69
C LEU A 139 -2.24 0.33 2.21
N LYS A 140 -1.15 -0.36 2.57
CA LYS A 140 -0.73 -0.58 3.95
C LYS A 140 0.73 -1.02 3.98
N SER A 141 1.25 -1.17 5.20
CA SER A 141 2.63 -1.42 5.43
C SER A 141 3.01 -2.86 5.10
N LYS A 142 2.05 -3.78 5.27
CA LYS A 142 2.26 -5.17 4.80
C LYS A 142 2.25 -5.32 3.25
N ASN A 143 1.70 -4.32 2.54
CA ASN A 143 1.64 -4.31 1.07
C ASN A 143 2.69 -3.39 0.54
N ILE A 144 3.72 -3.13 1.33
CA ILE A 144 4.87 -2.40 0.82
C ILE A 144 6.15 -3.18 1.11
N LEU A 145 7.04 -3.26 0.14
CA LEU A 145 8.23 -4.09 0.31
C LEU A 145 9.45 -3.21 0.29
N VAL A 146 10.43 -3.58 1.10
CA VAL A 146 11.57 -2.75 1.35
C VAL A 146 12.78 -3.36 0.63
N LYS A 147 13.53 -2.51 -0.08
CA LYS A 147 14.58 -2.96 -0.97
C LYS A 147 15.95 -2.66 -0.38
N LYS A 148 16.94 -3.44 -0.77
CA LYS A 148 18.31 -3.33 -0.19
C LYS A 148 18.90 -1.91 -0.21
N ASN A 149 18.51 -1.09 -1.16
CA ASN A 149 18.91 0.31 -1.11
C ASN A 149 17.98 1.15 -0.25
N GLY A 150 17.08 0.51 0.47
CA GLY A 150 16.24 1.21 1.44
C GLY A 150 15.27 2.16 0.81
N GLN A 151 14.92 1.90 -0.45
CA GLN A 151 13.69 2.40 -1.03
C GLN A 151 12.61 1.32 -1.04
N CYS A 152 11.35 1.75 -0.97
CA CYS A 152 10.22 0.82 -0.91
C CYS A 152 9.56 0.67 -2.29
N CYS A 153 8.78 -0.39 -2.49
CA CYS A 153 7.98 -0.50 -3.71
C CYS A 153 6.62 -1.01 -3.31
N ILE A 154 5.57 -0.56 -4.01
CA ILE A 154 4.18 -0.96 -3.68
C ILE A 154 3.77 -2.32 -4.30
N ALA A 155 3.41 -3.28 -3.45
CA ALA A 155 2.89 -4.62 -3.90
C ALA A 155 1.36 -4.63 -3.93
N ASP A 156 0.79 -5.71 -4.49
CA ASP A 156 -0.65 -6.15 -4.31
C ASP A 156 -1.61 -5.19 -4.98
N LEU A 157 -1.98 -5.52 -6.21
CA LEU A 157 -2.85 -4.73 -6.99
C LEU A 157 -4.22 -5.43 -7.25
N GLY A 158 -4.58 -6.39 -6.41
CA GLY A 158 -5.71 -7.25 -6.69
C GLY A 158 -7.04 -6.53 -6.54
N LEU A 159 -7.00 -5.36 -5.89
CA LEU A 159 -8.20 -4.55 -5.68
C LEU A 159 -8.25 -3.30 -6.54
N ALA A 160 -7.25 -3.13 -7.41
CA ALA A 160 -7.00 -1.87 -8.06
C ALA A 160 -8.11 -1.47 -9.05
N VAL A 161 -8.11 -0.19 -9.43
CA VAL A 161 -9.11 0.39 -10.29
C VAL A 161 -8.37 1.22 -11.34
N MET A 162 -8.90 1.28 -12.56
CA MET A 162 -8.24 1.96 -13.67
C MET A 162 -9.14 3.06 -14.26
N HIS A 163 -8.52 4.01 -14.94
CA HIS A 163 -9.23 5.09 -15.60
C HIS A 163 -8.36 5.79 -16.63
N SER A 164 -8.92 6.09 -17.80
CA SER A 164 -8.27 6.96 -18.78
C SER A 164 -9.14 8.17 -19.10
N GLN A 165 -8.49 9.31 -19.38
CA GLN A 165 -9.16 10.47 -19.96
C GLN A 165 -9.50 10.17 -21.45
N SER A 166 -8.83 9.16 -22.03
CA SER A 166 -9.10 8.67 -23.39
C SER A 166 -10.49 8.10 -23.60
N THR A 167 -10.98 7.35 -22.61
CA THR A 167 -12.27 6.69 -22.74
C THR A 167 -13.28 7.28 -21.76
N ASN A 168 -12.87 7.43 -20.51
CA ASN A 168 -13.73 7.93 -19.44
C ASN A 168 -14.92 6.99 -19.16
N GLN A 169 -14.60 5.69 -19.10
CA GLN A 169 -15.43 4.70 -18.42
C GLN A 169 -14.59 4.13 -17.27
N LEU A 170 -15.20 4.00 -16.09
CA LEU A 170 -14.49 3.47 -14.92
C LEU A 170 -14.54 1.94 -14.90
N ASP A 171 -13.36 1.32 -14.69
CA ASP A 171 -13.22 -0.13 -14.66
C ASP A 171 -12.89 -0.58 -13.23
N VAL A 172 -13.93 -0.85 -12.44
CA VAL A 172 -13.73 -1.32 -11.05
C VAL A 172 -13.74 -2.87 -10.93
N GLY A 173 -13.84 -3.57 -12.06
CA GLY A 173 -13.90 -5.03 -12.06
C GLY A 173 -15.13 -5.54 -11.32
N ASN A 174 -15.01 -6.72 -10.72
CA ASN A 174 -16.06 -7.24 -9.83
C ASN A 174 -15.47 -8.18 -8.79
N ASN A 175 -14.74 -7.59 -7.84
CA ASN A 175 -14.06 -8.32 -6.78
C ASN A 175 -14.84 -8.23 -5.44
N PRO A 176 -15.35 -9.38 -4.93
CA PRO A 176 -16.12 -9.34 -3.66
C PRO A 176 -15.32 -8.98 -2.39
N ARG A 177 -13.99 -8.99 -2.48
CA ARG A 177 -13.08 -8.56 -1.40
C ARG A 177 -13.18 -7.02 -1.16
N VAL A 178 -12.91 -6.60 0.09
CA VAL A 178 -12.79 -5.16 0.44
C VAL A 178 -11.37 -4.89 0.95
N GLY A 179 -11.08 -3.62 1.25
CA GLY A 179 -9.83 -3.23 1.92
C GLY A 179 -9.51 -3.98 3.22
N THR A 180 -8.46 -3.54 3.89
CA THR A 180 -8.15 -3.95 5.25
C THR A 180 -8.86 -2.97 6.14
N LYS A 181 -9.71 -3.45 7.04
CA LYS A 181 -10.60 -2.55 7.80
C LYS A 181 -9.83 -1.53 8.66
N ARG A 182 -8.60 -1.89 9.05
CA ARG A 182 -7.77 -0.99 9.83
C ARG A 182 -7.44 0.29 9.07
N TYR A 183 -7.34 0.20 7.74
CA TYR A 183 -6.92 1.35 6.91
C TYR A 183 -8.06 1.93 6.09
N MET A 184 -9.25 1.39 6.30
CA MET A 184 -10.40 1.91 5.60
C MET A 184 -10.58 3.38 5.91
N ALA A 185 -10.95 4.15 4.89
CA ALA A 185 -11.23 5.59 5.03
C ALA A 185 -12.65 5.75 5.51
N PRO A 186 -12.99 6.91 6.09
CA PRO A 186 -14.35 7.09 6.69
C PRO A 186 -15.50 6.96 5.71
N GLU A 187 -15.31 7.39 4.47
CA GLU A 187 -16.37 7.28 3.44
C GLU A 187 -16.69 5.81 3.15
N VAL A 188 -15.64 5.00 3.10
CA VAL A 188 -15.76 3.56 2.97
C VAL A 188 -16.35 2.90 4.20
N LEU A 189 -15.92 3.32 5.39
CA LEU A 189 -16.51 2.79 6.62
C LEU A 189 -17.97 3.29 6.76
N ASP A 190 -18.29 4.44 6.14
CA ASP A 190 -19.68 4.96 6.04
C ASP A 190 -20.56 4.17 5.09
N GLU A 191 -19.95 3.59 4.05
CA GLU A 191 -20.73 3.19 2.89
C GLU A 191 -21.40 4.44 2.27
N THR A 192 -20.72 5.58 2.31
CA THR A 192 -21.10 6.77 1.54
C THR A 192 -20.13 7.10 0.39
N ILE A 193 -19.09 6.30 0.20
CA ILE A 193 -18.17 6.53 -0.92
C ILE A 193 -18.98 6.42 -2.22
N GLN A 194 -18.92 7.46 -3.07
CA GLN A 194 -19.56 7.38 -4.40
C GLN A 194 -18.69 6.49 -5.33
N VAL A 195 -19.08 5.22 -5.44
CA VAL A 195 -18.38 4.23 -6.27
C VAL A 195 -18.34 4.58 -7.77
N ASP A 196 -19.15 5.56 -8.17
CA ASP A 196 -19.20 6.02 -9.57
C ASP A 196 -18.01 6.90 -9.98
N CYS A 197 -17.30 7.45 -8.99
CA CYS A 197 -16.26 8.44 -9.24
C CYS A 197 -14.89 7.90 -8.93
N PHE A 198 -13.96 8.13 -9.83
CA PHE A 198 -12.65 7.50 -9.78
C PHE A 198 -11.81 8.12 -8.69
N ASP A 199 -11.91 9.44 -8.53
CA ASP A 199 -11.08 10.14 -7.55
C ASP A 199 -11.35 9.67 -6.15
N SER A 200 -12.59 9.24 -5.89
CA SER A 200 -12.93 8.65 -4.61
C SER A 200 -11.84 7.66 -4.23
N TYR A 201 -11.49 6.81 -5.15
CA TYR A 201 -10.53 5.75 -4.89
C TYR A 201 -9.13 6.28 -4.67
N LYS A 202 -8.71 7.29 -5.41
CA LYS A 202 -7.42 7.95 -5.14
C LYS A 202 -7.37 8.42 -3.68
N ARG A 203 -8.39 9.18 -3.30
CA ARG A 203 -8.48 9.82 -2.00
C ARG A 203 -8.48 8.83 -0.88
N VAL A 204 -9.09 7.67 -1.13
CA VAL A 204 -9.01 6.53 -0.24
C VAL A 204 -7.55 6.06 -0.12
N ASP A 205 -6.85 5.98 -1.24
CA ASP A 205 -5.40 5.72 -1.22
C ASP A 205 -4.62 6.74 -0.41
N ILE A 206 -5.03 8.01 -0.44
CA ILE A 206 -4.27 9.05 0.25
C ILE A 206 -4.38 8.94 1.77
N TRP A 207 -5.59 8.64 2.25
CA TRP A 207 -5.85 8.33 3.64
C TRP A 207 -4.91 7.27 4.23
N ALA A 208 -4.91 6.12 3.57
CA ALA A 208 -4.05 5.01 3.91
C ALA A 208 -2.57 5.41 3.89
N PHE A 209 -2.18 6.27 2.95
CA PHE A 209 -0.81 6.76 2.97
C PHE A 209 -0.54 7.59 4.22
N GLY A 210 -1.50 8.36 4.68
CA GLY A 210 -1.33 9.13 5.91
C GLY A 210 -1.05 8.26 7.14
N LEU A 211 -1.77 7.14 7.24
CA LEU A 211 -1.60 6.18 8.31
C LEU A 211 -0.25 5.48 8.15
N VAL A 212 0.14 5.17 6.92
CA VAL A 212 1.46 4.54 6.68
C VAL A 212 2.53 5.48 7.11
N LEU A 213 2.41 6.72 6.65
CA LEU A 213 3.26 7.81 7.05
C LEU A 213 3.46 7.84 8.56
N TRP A 214 2.34 7.67 9.27
CA TRP A 214 2.31 7.68 10.72
C TRP A 214 3.02 6.51 11.34
N GLU A 215 2.88 5.33 10.75
CA GLU A 215 3.58 4.12 11.22
C GLU A 215 5.11 4.25 11.10
N VAL A 216 5.57 4.83 10.00
CA VAL A 216 7.01 4.95 9.74
C VAL A 216 7.63 6.01 10.65
N ALA A 217 6.95 7.13 10.82
CA ALA A 217 7.53 8.30 11.47
C ALA A 217 7.88 7.97 12.93
N ARG A 218 7.01 7.19 13.55
CA ARG A 218 7.24 6.67 14.90
C ARG A 218 8.64 6.03 15.09
N ARG A 219 9.17 5.44 14.02
CA ARG A 219 10.45 4.74 14.05
C ARG A 219 11.63 5.61 13.66
N MET A 220 11.40 6.92 13.51
CA MET A 220 12.51 7.84 13.30
C MET A 220 12.97 8.45 14.63
N VAL A 221 14.27 8.30 14.93
CA VAL A 221 14.83 8.82 16.19
C VAL A 221 15.03 10.34 16.11
N SER A 222 14.74 10.99 17.24
CA SER A 222 14.98 12.41 17.41
C SER A 222 15.04 12.66 18.92
N ASN A 223 16.05 13.41 19.37
CA ASN A 223 16.41 13.47 20.80
C ASN A 223 16.62 12.08 21.39
N GLY A 224 17.22 11.18 20.61
CA GLY A 224 17.53 9.84 21.04
C GLY A 224 16.35 8.96 21.42
N ILE A 225 15.13 9.32 21.02
CA ILE A 225 13.95 8.54 21.37
C ILE A 225 13.04 8.22 20.17
N VAL A 226 12.53 7.00 20.13
CA VAL A 226 11.50 6.60 19.19
C VAL A 226 10.27 6.09 19.95
N GLU A 227 9.14 6.03 19.28
CA GLU A 227 8.06 5.20 19.77
C GLU A 227 8.27 3.80 19.21
N ASP A 228 7.73 2.78 19.88
CA ASP A 228 7.75 1.40 19.36
C ASP A 228 6.90 1.36 18.12
N TYR A 229 6.95 0.27 17.38
CA TYR A 229 5.99 0.07 16.29
C TYR A 229 4.58 -0.18 16.84
N LYS A 230 3.58 0.53 16.32
CA LYS A 230 2.19 0.07 16.43
C LYS A 230 1.48 0.20 15.09
N PRO A 231 0.51 -0.72 14.83
CA PRO A 231 -0.39 -0.50 13.72
C PRO A 231 -1.31 0.71 14.04
N PRO A 232 -1.84 1.37 13.01
CA PRO A 232 -2.74 2.48 13.25
C PRO A 232 -3.87 2.06 14.16
N PHE A 233 -4.30 2.98 15.03
CA PHE A 233 -5.45 2.76 15.90
C PHE A 233 -5.26 1.59 16.85
N TYR A 234 -4.01 1.17 17.04
CA TYR A 234 -3.65 0.04 17.95
C TYR A 234 -4.17 0.22 19.37
N ASP A 235 -4.23 1.45 19.85
CA ASP A 235 -4.66 1.75 21.21
C ASP A 235 -6.18 1.59 21.42
N VAL A 236 -6.96 1.68 20.34
CA VAL A 236 -8.45 1.81 20.43
C VAL A 236 -9.23 0.70 19.70
N VAL A 237 -8.52 -0.18 18.98
CA VAL A 237 -9.18 -1.33 18.39
C VAL A 237 -8.36 -2.61 18.56
N PRO A 238 -9.06 -3.77 18.71
CA PRO A 238 -8.37 -5.05 18.87
C PRO A 238 -7.78 -5.56 17.57
N ASN A 239 -6.96 -6.61 17.64
CA ASN A 239 -6.45 -7.27 16.41
C ASN A 239 -7.65 -7.83 15.62
N ASP A 240 -7.65 -7.63 14.29
CA ASP A 240 -8.77 -8.06 13.45
C ASP A 240 -10.06 -7.35 13.94
N PRO A 241 -10.11 -6.00 13.82
CA PRO A 241 -11.29 -5.19 14.23
C PRO A 241 -12.52 -5.42 13.38
N SER A 242 -13.71 -5.47 14.03
CA SER A 242 -14.95 -5.49 13.28
C SER A 242 -15.06 -4.24 12.42
N PHE A 243 -15.74 -4.39 11.29
CA PHE A 243 -16.27 -3.23 10.55
C PHE A 243 -16.94 -2.20 11.49
N GLU A 244 -17.78 -2.65 12.43
CA GLU A 244 -18.50 -1.70 13.33
C GLU A 244 -17.55 -1.09 14.39
N ASP A 245 -16.37 -1.69 14.55
CA ASP A 245 -15.32 -1.15 15.44
C ASP A 245 -14.68 0.08 14.83
N MET A 246 -14.09 -0.11 13.65
CA MET A 246 -13.41 0.96 12.94
C MET A 246 -14.39 2.09 12.64
N ARG A 247 -15.61 1.73 12.29
CA ARG A 247 -16.65 2.73 12.07
C ARG A 247 -16.77 3.66 13.29
N LYS A 248 -16.84 3.12 14.50
CA LYS A 248 -17.06 3.98 15.70
C LYS A 248 -15.83 4.81 16.09
N VAL A 249 -14.64 4.25 15.87
CA VAL A 249 -13.40 5.01 16.07
C VAL A 249 -13.25 6.14 15.05
N VAL A 250 -13.43 5.81 13.78
CA VAL A 250 -13.17 6.77 12.70
C VAL A 250 -14.37 7.67 12.36
N CYS A 251 -15.55 7.09 12.20
CA CYS A 251 -16.72 7.88 11.79
C CYS A 251 -17.43 8.56 12.92
N VAL A 252 -17.64 7.84 14.03
CA VAL A 252 -18.56 8.32 15.09
C VAL A 252 -17.84 9.17 16.12
N ASP A 253 -16.83 8.57 16.75
CA ASP A 253 -15.94 9.31 17.66
C ASP A 253 -15.04 10.21 16.85
N GLN A 254 -14.87 9.90 15.57
CA GLN A 254 -14.14 10.79 14.70
C GLN A 254 -12.67 10.90 15.11
N GLN A 255 -12.07 9.81 15.55
CA GLN A 255 -10.68 9.80 16.08
C GLN A 255 -9.63 9.67 14.99
N ARG A 256 -8.37 9.97 15.33
CA ARG A 256 -7.23 9.76 14.42
C ARG A 256 -6.00 9.30 15.22
N PRO A 257 -4.98 8.77 14.53
CA PRO A 257 -3.75 8.48 15.26
C PRO A 257 -3.18 9.73 15.93
N ASN A 258 -2.80 9.62 17.19
CA ASN A 258 -2.11 10.68 17.94
C ASN A 258 -0.76 11.09 17.31
N ILE A 259 -0.46 12.38 17.37
CA ILE A 259 0.92 12.83 17.17
C ILE A 259 1.62 12.83 18.52
N PRO A 260 2.71 12.05 18.66
CA PRO A 260 3.46 12.16 19.91
C PRO A 260 4.06 13.55 20.05
N ASN A 261 4.15 14.03 21.29
CA ASN A 261 4.50 15.43 21.52
C ASN A 261 5.99 15.67 21.31
N ARG A 262 6.78 14.60 21.41
CA ARG A 262 8.20 14.66 21.05
C ARG A 262 8.46 15.04 19.59
N TRP A 263 7.50 14.78 18.69
CA TRP A 263 7.63 15.12 17.26
C TRP A 263 7.69 16.60 17.04
N PHE A 264 6.99 17.33 17.90
CA PHE A 264 6.97 18.78 17.86
C PHE A 264 8.28 19.43 18.34
N SER A 265 9.27 18.62 18.71
CA SER A 265 10.64 19.12 18.91
C SER A 265 11.34 19.21 17.56
N ASP A 266 10.99 18.30 16.65
CA ASP A 266 11.74 18.06 15.42
C ASP A 266 10.96 18.67 14.25
N PRO A 267 11.66 19.42 13.38
CA PRO A 267 11.00 20.02 12.22
C PRO A 267 10.59 18.98 11.17
N THR A 268 11.41 17.96 10.92
CA THR A 268 11.05 16.89 9.97
C THR A 268 9.79 16.17 10.40
N LEU A 269 9.71 15.80 11.67
CA LEU A 269 8.55 15.07 12.20
C LEU A 269 7.34 15.97 12.33
N THR A 270 7.57 17.26 12.52
CA THR A 270 6.51 18.24 12.55
C THR A 270 5.97 18.46 11.13
N SER A 271 6.88 18.47 10.15
CA SER A 271 6.51 18.59 8.74
C SER A 271 5.66 17.39 8.26
N LEU A 272 6.18 16.18 8.49
CA LEU A 272 5.46 14.93 8.15
C LEU A 272 4.12 14.85 8.89
N ALA A 273 4.08 15.36 10.12
CA ALA A 273 2.84 15.45 10.91
C ALA A 273 1.83 16.43 10.29
N LYS A 274 2.34 17.56 9.80
CA LYS A 274 1.50 18.52 9.07
C LYS A 274 0.92 17.81 7.86
N LEU A 275 1.72 16.95 7.28
CA LEU A 275 1.41 16.31 6.02
C LEU A 275 0.37 15.21 6.17
N MET A 276 0.57 14.32 7.15
CA MET A 276 -0.36 13.22 7.39
C MET A 276 -1.71 13.74 7.92
N LYS A 277 -1.68 14.88 8.63
CA LYS A 277 -2.92 15.58 9.01
C LYS A 277 -3.78 15.94 7.79
N GLU A 278 -3.10 16.21 6.68
CA GLU A 278 -3.75 16.63 5.45
C GLU A 278 -4.27 15.43 4.63
N CYS A 279 -3.88 14.22 5.05
CA CYS A 279 -4.38 12.99 4.48
C CYS A 279 -5.60 12.47 5.23
N TRP A 280 -5.99 13.12 6.33
CA TRP A 280 -6.87 12.51 7.35
C TRP A 280 -8.21 13.18 7.54
N TYR A 281 -8.57 14.09 6.65
CA TYR A 281 -9.87 14.78 6.71
C TYR A 281 -11.03 13.83 6.45
N GLN A 282 -12.15 14.05 7.13
CA GLN A 282 -13.35 13.20 6.94
C GLN A 282 -13.98 13.41 5.57
N ASN A 283 -14.01 14.67 5.11
CA ASN A 283 -14.34 14.98 3.72
C ASN A 283 -13.15 14.62 2.80
N PRO A 284 -13.37 13.73 1.82
CA PRO A 284 -12.29 13.26 0.91
C PRO A 284 -11.80 14.31 -0.10
N SER A 285 -12.69 15.20 -0.52
CA SER A 285 -12.34 16.32 -1.40
C SER A 285 -11.25 17.22 -0.82
N ALA A 286 -11.08 17.18 0.50
CA ALA A 286 -10.13 18.06 1.18
C ALA A 286 -8.72 17.46 1.33
N ARG A 287 -8.56 16.14 1.19
CA ARG A 287 -7.23 15.49 1.38
C ARG A 287 -6.27 15.89 0.26
N LEU A 288 -4.97 15.80 0.51
CA LEU A 288 -3.97 16.10 -0.53
C LEU A 288 -3.93 15.05 -1.65
N THR A 289 -3.23 15.38 -2.74
CA THR A 289 -3.00 14.42 -3.81
C THR A 289 -1.62 13.84 -3.62
N ALA A 290 -1.40 12.66 -4.17
CA ALA A 290 -0.13 11.98 -4.06
C ALA A 290 0.99 12.81 -4.63
N LEU A 291 0.70 13.61 -5.65
CA LEU A 291 1.75 14.35 -6.32
C LEU A 291 2.16 15.51 -5.47
N ARG A 292 1.21 16.08 -4.73
CA ARG A 292 1.53 17.12 -3.76
C ARG A 292 2.41 16.48 -2.71
N ILE A 293 1.92 15.41 -2.14
CA ILE A 293 2.70 14.67 -1.15
C ILE A 293 4.12 14.43 -1.69
N LYS A 294 4.24 13.84 -2.86
CA LYS A 294 5.56 13.56 -3.40
C LYS A 294 6.42 14.84 -3.41
N LYS A 295 5.91 15.90 -4.03
CA LYS A 295 6.71 17.13 -4.20
C LYS A 295 7.03 17.84 -2.88
N THR A 296 6.13 17.70 -1.91
CA THR A 296 6.36 18.22 -0.55
C THR A 296 7.52 17.51 0.13
N LEU A 297 7.49 16.19 0.12
CA LEU A 297 8.53 15.39 0.77
C LEU A 297 9.85 15.56 0.03
N THR A 298 9.77 15.99 -1.22
CA THR A 298 10.96 16.30 -2.00
C THR A 298 11.72 17.50 -1.44
N LYS A 299 11.00 18.42 -0.81
CA LYS A 299 11.60 19.63 -0.27
C LYS A 299 12.15 19.40 1.14
N ILE A 300 11.35 18.72 1.96
CA ILE A 300 11.70 18.40 3.35
C ILE A 300 13.03 17.65 3.50
N ASP A 301 13.76 17.96 4.57
CA ASP A 301 15.01 17.28 4.92
C ASP A 301 15.35 17.52 6.41
S SO4 B . -5.67 -6.42 11.88
O1 SO4 B . -4.41 -6.47 11.12
O2 SO4 B . -4.91 -6.55 13.14
O3 SO4 B . -5.75 -5.13 11.15
O4 SO4 B . -6.11 -7.66 11.22
S SO4 C . 16.61 -5.61 -3.72
O1 SO4 C . 15.44 -5.63 -2.78
O2 SO4 C . 17.46 -4.48 -3.34
O3 SO4 C . 16.14 -5.40 -5.12
O4 SO4 C . 17.31 -6.93 -3.63
CAJ IYZ D . 3.00 -9.74 2.82
CAK IYZ D . 4.15 -9.34 3.74
CAV IYZ D . 3.99 -10.81 3.34
CAL IYZ D . 4.96 -11.37 2.26
NAO IYZ D . 6.34 -10.99 2.50
CAS IYZ D . 7.24 -10.82 1.48
CAF IYZ D . 8.61 -10.87 1.72
CAG IYZ D . 9.45 -10.68 0.64
NAN IYZ D . 6.78 -10.59 0.23
NAW IYZ D . 7.52 -10.39 -0.74
CAU IYZ D . 8.90 -10.44 -0.62
NAM IYZ D . 9.44 -10.19 -1.82
CAH IYZ D . 8.46 -10.07 -2.73
CAT IYZ D . 7.27 -10.18 -2.10
CAR IYZ D . 5.98 -10.12 -2.63
CAI IYZ D . 4.93 -9.59 -1.87
CAE IYZ D . 5.69 -10.69 -3.89
CAC IYZ D . 4.38 -10.65 -4.37
CAD IYZ D . 3.35 -10.06 -3.59
CAQ IYZ D . 3.63 -9.54 -2.34
CAP IYZ D . 2.52 -8.86 -1.46
CAA IYZ D . 2.93 -7.77 -0.47
OAB IYZ D . 1.33 -9.14 -1.58
C1 GOL E . 0.95 6.53 21.60
O1 GOL E . 0.84 7.93 21.26
C2 GOL E . 2.33 6.26 22.21
O2 GOL E . 3.29 6.26 21.15
C3 GOL E . 2.41 4.95 22.94
O3 GOL E . 3.32 4.05 22.31
C1 GOL F . -0.93 -8.79 3.34
O1 GOL F . -1.66 -9.06 4.55
C2 GOL F . -1.85 -9.00 2.13
O2 GOL F . -2.92 -8.04 2.13
C3 GOL F . -1.04 -8.89 0.84
O3 GOL F . -1.08 -10.13 0.14
C1 GOL G . -10.66 -2.76 22.71
O1 GOL G . -11.72 -2.20 23.50
C2 GOL G . -9.29 -2.43 23.33
O2 GOL G . -8.92 -1.08 23.01
C3 GOL G . -8.23 -3.40 22.81
O3 GOL G . -6.96 -3.16 23.45
C1 GOL H . -4.46 -11.78 6.86
O1 GOL H . -3.56 -12.71 7.47
C2 GOL H . -3.69 -11.18 5.72
O2 GOL H . -2.56 -10.52 6.31
C3 GOL H . -4.56 -10.19 4.93
O3 GOL H . -5.17 -10.84 3.81
#